data_2BAB
#
_entry.id   2BAB
#
_cell.length_a   161.753
_cell.length_b   161.753
_cell.length_c   161.753
_cell.angle_alpha   90.00
_cell.angle_beta   90.00
_cell.angle_gamma   90.00
#
_symmetry.space_group_name_H-M   'I 21 3'
#
loop_
_entity.id
_entity.type
_entity.pdbx_description
1 polymer 'putative aminooxidase'
2 non-polymer 'SULFATE ION'
3 non-polymer 'FLAVIN-ADENINE DINUCLEOTIDE'
4 non-polymer '(10E,12Z)-OCTADECA-10,12-DIENOIC ACID'
5 non-polymer 1,4-BUTANEDIOL
6 water water
#
_entity_poly.entity_id   1
_entity_poly.type   'polypeptide(L)'
_entity_poly.pdbx_seq_one_letter_code
;MSISKDSRIAIIGAGPAGLAAGMYLEQAGFHDYTILERTDHVGGKCHSPNYHGRRYEMGAIMGVPSYDTIQEIMDRTGDK
VDGPKLRREFLHEDGEIYVPEKDPVRGPQVMAAVQKLGQLLATKYQGYDANGHYNKVHEDLMLPFDEFLALNGCEAARDL
WINPFTAFGYGHFDNVPAAYVLKYLDFVTMMSFAKGDLWTWADGTQAMFEHLNATLEHPAERNVDITRITREDGKVHIHT
TDWDRESDVLVLTVPLEKFLDYSDADDDEREYFSKIIHQQYMVDACLVKEYPTISGYVPDNMRPERLGHVMVYYHRWADD
PHQIITTYLLRNHPDYADKTQEECRQMVLDDMETFGHPVEKIIEEQTWYYFPHVSSEDYKAGWYEKVEGMQGRRNTFYAG
EIMSFGNFDEVCHYSKDLVTRFFV
;
_entity_poly.pdbx_strand_id   A
#
# COMPACT_ATOMS: atom_id res chain seq x y z
N SER A 2 -7.28 -27.09 9.53
CA SER A 2 -8.20 -27.67 8.49
C SER A 2 -7.47 -28.10 7.21
N ILE A 3 -6.25 -27.58 7.01
CA ILE A 3 -5.38 -28.07 5.91
C ILE A 3 -4.23 -28.85 6.52
N SER A 4 -3.86 -29.97 5.91
CA SER A 4 -2.83 -30.83 6.48
C SER A 4 -1.43 -30.18 6.37
N LYS A 5 -0.61 -30.39 7.40
CA LYS A 5 0.73 -29.82 7.45
C LYS A 5 1.65 -30.28 6.33
N ASP A 6 1.29 -31.37 5.66
CA ASP A 6 2.13 -31.94 4.62
C ASP A 6 1.77 -31.39 3.24
N SER A 7 0.81 -30.47 3.18
CA SER A 7 0.38 -29.93 1.90
C SER A 7 1.50 -29.14 1.24
N ARG A 8 1.66 -29.34 -0.07
CA ARG A 8 2.55 -28.51 -0.89
C ARG A 8 1.82 -27.21 -1.22
N ILE A 9 2.29 -26.11 -0.61
CA ILE A 9 1.65 -24.80 -0.74
C ILE A 9 2.46 -23.89 -1.67
N ALA A 10 1.83 -23.43 -2.75
CA ALA A 10 2.44 -22.48 -3.65
C ALA A 10 1.99 -21.06 -3.30
N ILE A 11 2.93 -20.22 -2.91
CA ILE A 11 2.66 -18.80 -2.61
C ILE A 11 3.16 -17.99 -3.79
N ILE A 12 2.25 -17.25 -4.43
CA ILE A 12 2.62 -16.46 -5.57
C ILE A 12 2.92 -15.01 -5.12
N GLY A 13 4.17 -14.58 -5.34
CA GLY A 13 4.66 -13.23 -5.01
C GLY A 13 5.51 -13.21 -3.75
N ALA A 14 6.70 -12.58 -3.84
CA ALA A 14 7.60 -12.43 -2.70
C ALA A 14 7.68 -10.95 -2.29
N GLY A 15 6.52 -10.31 -2.26
CA GLY A 15 6.38 -9.03 -1.60
C GLY A 15 6.12 -9.26 -0.12
N PRO A 16 5.85 -8.19 0.63
CA PRO A 16 5.53 -8.38 2.03
C PRO A 16 4.44 -9.45 2.27
N ALA A 17 3.39 -9.47 1.46
CA ALA A 17 2.24 -10.37 1.71
C ALA A 17 2.66 -11.84 1.57
N GLY A 18 3.45 -12.13 0.55
CA GLY A 18 3.91 -13.51 0.30
C GLY A 18 4.95 -13.98 1.28
N LEU A 19 5.87 -13.09 1.63
CA LEU A 19 6.91 -13.41 2.62
C LEU A 19 6.29 -13.62 3.99
N ALA A 20 5.31 -12.79 4.33
CA ALA A 20 4.58 -12.95 5.59
C ALA A 20 3.81 -14.28 5.57
N ALA A 21 3.19 -14.61 4.44
CA ALA A 21 2.45 -15.88 4.30
C ALA A 21 3.40 -17.05 4.58
N GLY A 22 4.58 -17.01 3.96
CA GLY A 22 5.64 -17.99 4.26
C GLY A 22 6.03 -18.05 5.72
N MET A 23 6.36 -16.90 6.31
CA MET A 23 6.71 -16.83 7.73
C MET A 23 5.68 -17.49 8.63
N TYR A 24 4.42 -17.11 8.44
CA TYR A 24 3.35 -17.51 9.35
C TYR A 24 2.89 -18.97 9.09
N LEU A 25 2.86 -19.37 7.84
CA LEU A 25 2.72 -20.82 7.55
C LEU A 25 3.80 -21.65 8.25
N GLU A 26 5.05 -21.25 8.06
CA GLU A 26 6.19 -21.97 8.65
C GLU A 26 6.09 -22.03 10.17
N GLN A 27 5.76 -20.91 10.79
CA GLN A 27 5.61 -20.88 12.25
C GLN A 27 4.39 -21.70 12.75
N ALA A 28 3.43 -21.94 11.86
CA ALA A 28 2.27 -22.82 12.16
C ALA A 28 2.49 -24.30 11.82
N GLY A 29 3.74 -24.68 11.49
CA GLY A 29 4.08 -26.07 11.18
C GLY A 29 3.89 -26.49 9.73
N PHE A 30 3.62 -25.54 8.84
CA PHE A 30 3.52 -25.86 7.41
C PHE A 30 4.88 -25.65 6.72
N HIS A 31 5.64 -26.73 6.55
CA HIS A 31 7.03 -26.62 6.11
C HIS A 31 7.22 -26.80 4.62
N ASP A 32 6.18 -27.22 3.92
CA ASP A 32 6.32 -27.53 2.50
C ASP A 32 5.68 -26.45 1.62
N TYR A 33 6.19 -25.23 1.77
CA TYR A 33 5.71 -24.08 1.00
C TYR A 33 6.82 -23.62 0.06
N THR A 34 6.42 -23.06 -1.07
CA THR A 34 7.33 -22.48 -2.03
C THR A 34 6.79 -21.13 -2.45
N ILE A 35 7.62 -20.09 -2.32
CA ILE A 35 7.27 -18.75 -2.77
C ILE A 35 7.82 -18.52 -4.16
N LEU A 36 6.95 -18.13 -5.09
CA LEU A 36 7.35 -17.88 -6.48
C LEU A 36 7.33 -16.39 -6.82
N GLU A 37 8.49 -15.84 -7.20
CA GLU A 37 8.63 -14.42 -7.49
C GLU A 37 9.02 -14.24 -8.93
N ARG A 38 8.34 -13.33 -9.61
CA ARG A 38 8.54 -13.07 -11.03
C ARG A 38 9.87 -12.35 -11.29
N THR A 39 10.21 -11.39 -10.44
CA THR A 39 11.43 -10.60 -10.63
C THR A 39 12.64 -11.28 -9.96
N ASP A 40 13.76 -10.60 -10.05
CA ASP A 40 15.00 -11.06 -9.46
C ASP A 40 15.18 -10.64 -8.01
N HIS A 41 14.20 -9.93 -7.45
CA HIS A 41 14.34 -9.39 -6.11
C HIS A 41 13.10 -9.62 -5.24
N VAL A 42 13.28 -9.48 -3.93
CA VAL A 42 12.16 -9.59 -3.00
C VAL A 42 11.87 -8.25 -2.33
N GLY A 43 10.68 -8.14 -1.74
CA GLY A 43 10.21 -6.92 -1.12
C GLY A 43 9.09 -6.22 -1.86
N GLY A 44 8.88 -6.56 -3.13
CA GLY A 44 7.82 -5.95 -3.93
C GLY A 44 7.91 -4.43 -3.96
N LYS A 45 6.87 -3.75 -3.48
CA LYS A 45 6.82 -2.29 -3.49
C LYS A 45 7.62 -1.64 -2.33
N CYS A 46 8.20 -2.48 -1.46
CA CYS A 46 9.28 -2.08 -0.57
C CYS A 46 10.58 -2.25 -1.35
N HIS A 47 11.06 -1.15 -1.91
CA HIS A 47 12.10 -1.21 -2.93
C HIS A 47 13.06 -0.06 -2.72
N SER A 48 14.27 -0.41 -2.28
CA SER A 48 15.19 0.56 -1.70
C SER A 48 16.55 0.46 -2.39
N PRO A 49 16.69 1.10 -3.55
CA PRO A 49 17.95 1.03 -4.26
C PRO A 49 19.08 1.87 -3.66
N ASN A 50 20.29 1.52 -4.06
CA ASN A 50 21.52 2.17 -3.61
C ASN A 50 21.91 3.38 -4.45
N TYR A 51 22.48 4.38 -3.78
CA TYR A 51 23.01 5.55 -4.44
C TYR A 51 24.07 6.19 -3.55
N HIS A 52 25.32 6.10 -4.01
CA HIS A 52 26.45 6.70 -3.32
C HIS A 52 26.52 6.32 -1.84
N GLY A 53 26.32 5.03 -1.58
CA GLY A 53 26.52 4.50 -0.24
C GLY A 53 25.28 4.52 0.65
N ARG A 54 24.16 5.07 0.18
CA ARG A 54 22.91 5.06 0.98
C ARG A 54 21.75 4.61 0.12
N ARG A 55 20.76 3.98 0.76
CA ARG A 55 19.58 3.50 0.08
C ARG A 55 18.50 4.56 0.14
N TYR A 56 17.87 4.80 -1.00
CA TYR A 56 16.70 5.66 -1.10
C TYR A 56 15.48 4.78 -1.33
N GLU A 57 14.30 5.37 -1.23
CA GLU A 57 13.04 4.67 -1.34
C GLU A 57 12.30 4.99 -2.64
N MET A 58 12.11 3.98 -3.47
CA MET A 58 11.30 4.07 -4.69
C MET A 58 9.84 3.68 -4.42
N GLY A 59 9.61 3.04 -3.27
CA GLY A 59 8.27 2.63 -2.85
C GLY A 59 8.06 3.02 -1.40
N ALA A 60 7.68 2.04 -0.58
CA ALA A 60 7.41 2.26 0.83
C ALA A 60 8.58 2.88 1.61
N ILE A 61 8.21 3.70 2.59
CA ILE A 61 9.14 4.51 3.40
C ILE A 61 8.94 4.30 4.90
N MET A 62 7.68 4.20 5.33
CA MET A 62 7.36 4.44 6.73
C MET A 62 6.32 3.51 7.35
N GLY A 63 6.29 3.55 8.68
CA GLY A 63 5.32 2.82 9.49
C GLY A 63 4.90 3.68 10.68
N VAL A 64 3.98 3.14 11.48
CA VAL A 64 3.58 3.78 12.75
C VAL A 64 3.71 2.77 13.86
N PRO A 65 3.79 3.23 15.12
CA PRO A 65 3.96 2.30 16.25
C PRO A 65 2.91 1.17 16.36
N SER A 66 1.72 1.36 15.79
CA SER A 66 0.68 0.32 15.76
C SER A 66 0.86 -0.70 14.62
N TYR A 67 2.00 -0.65 13.94
CA TYR A 67 2.37 -1.68 12.94
C TYR A 67 2.85 -2.96 13.67
N ASP A 68 1.94 -3.62 14.38
CA ASP A 68 2.31 -4.74 15.26
C ASP A 68 2.87 -5.96 14.50
N THR A 69 2.31 -6.25 13.33
CA THR A 69 2.78 -7.37 12.50
C THR A 69 4.20 -7.11 11.97
N ILE A 70 4.48 -5.87 11.60
CA ILE A 70 5.83 -5.53 11.14
C ILE A 70 6.82 -5.62 12.31
N GLN A 71 6.39 -5.24 13.51
CA GLN A 71 7.23 -5.49 14.68
C GLN A 71 7.58 -6.98 14.85
N GLU A 72 6.60 -7.86 14.67
CA GLU A 72 6.82 -9.30 14.73
C GLU A 72 7.87 -9.77 13.69
N ILE A 73 7.79 -9.18 12.50
CA ILE A 73 8.74 -9.46 11.43
C ILE A 73 10.15 -8.99 11.85
N MET A 74 10.28 -7.76 12.36
CA MET A 74 11.57 -7.26 12.83
C MET A 74 12.13 -8.08 13.99
N ASP A 75 11.22 -8.58 14.85
CA ASP A 75 11.58 -9.45 15.97
C ASP A 75 12.29 -10.68 15.42
N ARG A 76 11.75 -11.22 14.34
CA ARG A 76 12.31 -12.40 13.68
C ARG A 76 13.62 -12.09 12.96
N THR A 77 13.71 -10.95 12.29
CA THR A 77 14.91 -10.63 11.48
C THR A 77 16.02 -9.94 12.28
N GLY A 78 15.67 -9.35 13.41
CA GLY A 78 16.60 -8.53 14.17
C GLY A 78 16.79 -7.12 13.64
N ASP A 79 15.98 -6.72 12.66
CA ASP A 79 16.01 -5.34 12.17
C ASP A 79 15.43 -4.36 13.20
N LYS A 80 15.82 -3.09 13.07
CA LYS A 80 15.43 -2.04 13.99
C LYS A 80 14.95 -0.83 13.19
N VAL A 81 14.02 -0.07 13.79
CA VAL A 81 13.58 1.21 13.23
C VAL A 81 14.72 2.20 13.50
N ASP A 82 15.44 2.56 12.44
CA ASP A 82 16.71 3.27 12.60
C ASP A 82 16.99 4.28 11.50
N GLY A 83 15.95 4.70 10.78
CA GLY A 83 16.08 5.62 9.66
C GLY A 83 16.00 7.07 10.09
N PRO A 84 16.27 8.00 9.16
CA PRO A 84 16.19 9.42 9.50
C PRO A 84 14.75 9.86 9.82
N LYS A 85 14.66 10.82 10.72
CA LYS A 85 13.42 11.39 11.17
C LYS A 85 12.68 12.11 10.05
N LEU A 86 11.37 11.92 10.01
CA LEU A 86 10.54 12.61 9.03
C LEU A 86 10.09 13.96 9.58
N ARG A 87 10.18 14.99 8.75
CA ARG A 87 9.71 16.33 9.10
C ARG A 87 9.09 16.97 7.88
N ARG A 88 8.06 17.77 8.10
CA ARG A 88 7.23 18.30 7.02
C ARG A 88 6.89 19.78 7.16
N GLU A 89 6.81 20.43 6.01
CA GLU A 89 6.17 21.74 5.90
C GLU A 89 5.06 21.65 4.87
N PHE A 90 4.19 22.66 4.86
CA PHE A 90 3.12 22.75 3.87
C PHE A 90 3.33 23.94 2.91
N LEU A 91 3.16 23.65 1.63
CA LEU A 91 3.24 24.62 0.56
C LEU A 91 1.91 24.76 -0.17
N HIS A 92 1.60 25.99 -0.55
CA HIS A 92 0.55 26.24 -1.52
C HIS A 92 1.08 25.90 -2.90
N GLU A 93 0.18 25.85 -3.87
CA GLU A 93 0.59 25.49 -5.23
C GLU A 93 1.52 26.50 -5.86
N ASP A 94 1.53 27.73 -5.33
CA ASP A 94 2.54 28.75 -5.71
C ASP A 94 3.89 28.61 -4.99
N GLY A 95 4.03 27.61 -4.12
CA GLY A 95 5.30 27.40 -3.38
C GLY A 95 5.42 28.15 -2.06
N GLU A 96 4.43 28.98 -1.70
CA GLU A 96 4.52 29.74 -0.44
C GLU A 96 4.26 28.82 0.75
N ILE A 97 5.07 29.00 1.79
CA ILE A 97 4.97 28.19 3.00
C ILE A 97 3.80 28.65 3.86
N TYR A 98 2.98 27.71 4.28
CA TYR A 98 1.91 28.03 5.23
C TYR A 98 1.81 26.99 6.35
N VAL A 99 1.11 27.38 7.41
CA VAL A 99 1.02 26.56 8.61
C VAL A 99 -0.46 26.32 8.93
N PRO A 100 -1.06 25.33 8.27
CA PRO A 100 -2.51 25.12 8.37
C PRO A 100 -2.96 24.83 9.79
N GLU A 101 -2.13 24.14 10.58
CA GLU A 101 -2.43 23.91 12.00
C GLU A 101 -2.67 25.16 12.82
N LYS A 102 -2.07 26.28 12.41
CA LYS A 102 -2.19 27.54 13.16
C LYS A 102 -3.26 28.50 12.62
N ASP A 103 -4.01 28.07 11.60
CA ASP A 103 -5.14 28.84 11.10
C ASP A 103 -6.20 28.93 12.19
N PRO A 104 -6.48 30.15 12.68
CA PRO A 104 -7.40 30.37 13.81
C PRO A 104 -8.89 30.22 13.50
N VAL A 105 -9.24 29.98 12.24
CA VAL A 105 -10.61 29.74 11.85
C VAL A 105 -10.78 28.28 11.41
N ARG A 106 -10.03 27.89 10.37
CA ARG A 106 -10.13 26.53 9.83
C ARG A 106 -9.58 25.51 10.82
N GLY A 107 -8.50 25.82 11.52
CA GLY A 107 -7.87 24.84 12.42
C GLY A 107 -8.84 24.22 13.42
N PRO A 108 -9.51 25.07 14.22
CA PRO A 108 -10.53 24.59 15.15
C PRO A 108 -11.67 23.80 14.50
N GLN A 109 -12.12 24.24 13.33
CA GLN A 109 -13.18 23.54 12.59
C GLN A 109 -12.76 22.11 12.27
N VAL A 110 -11.54 21.97 11.76
CA VAL A 110 -10.98 20.68 11.43
C VAL A 110 -10.87 19.78 12.67
N MET A 111 -10.19 20.28 13.69
CA MET A 111 -9.94 19.50 14.90
C MET A 111 -11.22 19.16 15.70
N ALA A 112 -12.23 20.03 15.63
CA ALA A 112 -13.55 19.72 16.18
C ALA A 112 -14.21 18.58 15.42
N ALA A 113 -14.11 18.59 14.09
CA ALA A 113 -14.65 17.49 13.30
C ALA A 113 -13.91 16.19 13.62
N VAL A 114 -12.59 16.30 13.83
CA VAL A 114 -11.76 15.14 14.19
C VAL A 114 -12.23 14.53 15.51
N GLN A 115 -12.48 15.38 16.49
CA GLN A 115 -13.03 14.98 17.80
C GLN A 115 -14.33 14.23 17.61
N LYS A 116 -15.19 14.80 16.79
CA LYS A 116 -16.52 14.27 16.55
C LYS A 116 -16.45 12.92 15.86
N LEU A 117 -15.61 12.83 14.82
CA LEU A 117 -15.39 11.59 14.08
C LEU A 117 -14.84 10.49 14.99
N GLY A 118 -13.87 10.86 15.83
CA GLY A 118 -13.28 9.92 16.78
C GLY A 118 -14.34 9.20 17.62
N GLN A 119 -15.34 9.95 18.07
CA GLN A 119 -16.39 9.40 18.91
C GLN A 119 -17.32 8.50 18.12
N LEU A 120 -17.62 8.86 16.88
CA LEU A 120 -18.40 8.00 16.01
C LEU A 120 -17.68 6.67 15.75
N LEU A 121 -16.37 6.74 15.51
CA LEU A 121 -15.55 5.55 15.31
C LEU A 121 -15.54 4.65 16.55
N ALA A 122 -15.52 5.29 17.72
CA ALA A 122 -15.43 4.58 19.01
C ALA A 122 -16.75 3.93 19.41
N THR A 123 -17.86 4.48 18.92
CA THR A 123 -19.18 4.03 19.35
C THR A 123 -19.93 3.44 18.15
N LYS A 124 -20.54 4.28 17.34
CA LYS A 124 -21.37 3.83 16.24
C LYS A 124 -20.71 2.86 15.26
N TYR A 125 -19.43 3.05 14.97
CA TYR A 125 -18.77 2.31 13.90
C TYR A 125 -17.76 1.27 14.40
N GLN A 126 -17.95 0.78 15.61
CA GLN A 126 -17.10 -0.27 16.15
C GLN A 126 -16.98 -1.40 15.17
N GLY A 127 -15.76 -1.94 15.06
CA GLY A 127 -15.47 -2.94 14.04
C GLY A 127 -14.84 -2.37 12.78
N TYR A 128 -14.87 -1.04 12.62
CA TYR A 128 -14.46 -0.44 11.36
C TYR A 128 -12.98 -0.78 11.04
N ASP A 129 -12.17 -0.89 12.09
CA ASP A 129 -10.71 -0.98 11.98
C ASP A 129 -10.19 -2.42 11.93
N ALA A 130 -11.09 -3.41 11.86
CA ALA A 130 -10.65 -4.80 11.73
C ALA A 130 -9.82 -4.94 10.44
N ASN A 131 -8.78 -5.77 10.49
CA ASN A 131 -8.03 -6.10 9.30
C ASN A 131 -8.93 -6.88 8.34
N GLY A 132 -8.85 -6.52 7.07
CA GLY A 132 -9.66 -7.14 6.04
C GLY A 132 -11.07 -6.62 5.99
N HIS A 133 -11.88 -7.20 5.09
CA HIS A 133 -13.26 -6.79 4.88
C HIS A 133 -14.28 -7.93 5.05
N TYR A 134 -13.83 -9.07 5.58
CA TYR A 134 -14.67 -10.27 5.77
C TYR A 134 -15.64 -10.11 6.95
N ASN A 135 -15.31 -9.29 7.93
CA ASN A 135 -16.31 -8.80 8.86
C ASN A 135 -17.00 -7.58 8.21
N LYS A 136 -18.25 -7.75 7.80
CA LYS A 136 -18.98 -6.71 7.06
C LYS A 136 -19.03 -5.41 7.85
N VAL A 137 -18.54 -4.33 7.24
CA VAL A 137 -18.50 -3.05 7.92
C VAL A 137 -19.88 -2.38 7.86
N HIS A 138 -20.09 -1.43 8.74
CA HIS A 138 -21.28 -0.59 8.67
C HIS A 138 -21.51 -0.07 7.25
N GLU A 139 -22.76 -0.06 6.81
CA GLU A 139 -23.12 0.42 5.48
C GLU A 139 -22.61 1.84 5.16
N ASP A 140 -22.60 2.73 6.15
CA ASP A 140 -22.08 4.11 5.95
C ASP A 140 -20.63 4.13 5.46
N LEU A 141 -19.84 3.16 5.93
CA LEU A 141 -18.42 3.05 5.59
C LEU A 141 -18.18 2.63 4.15
N MET A 142 -19.23 2.15 3.48
CA MET A 142 -19.13 1.72 2.07
C MET A 142 -19.26 2.90 1.08
N LEU A 143 -19.66 4.05 1.59
CA LEU A 143 -19.75 5.25 0.76
C LEU A 143 -18.37 5.85 0.58
N PRO A 144 -18.20 6.69 -0.45
CA PRO A 144 -16.97 7.44 -0.55
C PRO A 144 -16.73 8.25 0.73
N PHE A 145 -15.46 8.46 1.08
CA PHE A 145 -15.10 9.11 2.34
C PHE A 145 -15.78 10.46 2.57
N ASP A 146 -15.78 11.32 1.56
CA ASP A 146 -16.43 12.62 1.69
C ASP A 146 -17.93 12.48 1.99
N GLU A 147 -18.58 11.51 1.35
CA GLU A 147 -20.02 11.27 1.61
C GLU A 147 -20.24 10.76 3.02
N PHE A 148 -19.36 9.85 3.43
CA PHE A 148 -19.37 9.33 4.78
C PHE A 148 -19.21 10.46 5.81
N LEU A 149 -18.27 11.35 5.57
CA LEU A 149 -18.02 12.49 6.44
C LEU A 149 -19.25 13.43 6.46
N ALA A 150 -19.79 13.71 5.27
CA ALA A 150 -20.96 14.61 5.14
C ALA A 150 -22.19 14.07 5.89
N LEU A 151 -22.39 12.76 5.85
CA LEU A 151 -23.51 12.11 6.53
C LEU A 151 -23.48 12.36 8.03
N ASN A 152 -22.27 12.48 8.56
CA ASN A 152 -22.01 12.68 9.98
C ASN A 152 -21.62 14.10 10.36
N GLY A 153 -21.69 15.03 9.41
CA GLY A 153 -21.29 16.41 9.65
C GLY A 153 -19.82 16.63 10.05
N CYS A 154 -18.94 15.79 9.51
CA CYS A 154 -17.51 15.81 9.88
C CYS A 154 -16.60 16.18 8.71
N GLU A 155 -17.15 16.90 7.74
CA GLU A 155 -16.44 17.23 6.51
C GLU A 155 -15.05 17.80 6.73
N ALA A 156 -14.93 18.70 7.71
CA ALA A 156 -13.68 19.41 7.93
C ALA A 156 -12.54 18.48 8.35
N ALA A 157 -12.87 17.30 8.89
CA ALA A 157 -11.86 16.30 9.28
C ALA A 157 -11.02 15.82 8.08
N ARG A 158 -11.56 15.99 6.86
CA ARG A 158 -10.85 15.63 5.65
C ARG A 158 -9.51 16.37 5.52
N ASP A 159 -9.39 17.58 6.10
CA ASP A 159 -8.13 18.34 6.02
C ASP A 159 -7.00 17.58 6.68
N LEU A 160 -7.30 16.88 7.77
CA LEU A 160 -6.29 16.09 8.47
C LEU A 160 -6.04 14.72 7.83
N TRP A 161 -7.13 14.05 7.43
CA TRP A 161 -7.03 12.73 6.79
C TRP A 161 -6.43 12.78 5.37
N ILE A 162 -6.60 13.90 4.66
CA ILE A 162 -6.21 13.91 3.23
C ILE A 162 -4.71 13.78 3.01
N ASN A 163 -3.89 14.38 3.89
CA ASN A 163 -2.44 14.50 3.68
C ASN A 163 -1.72 13.16 3.56
N PRO A 164 -1.93 12.23 4.51
CA PRO A 164 -1.36 10.88 4.36
C PRO A 164 -2.20 9.90 3.52
N PHE A 165 -3.18 10.40 2.78
CA PHE A 165 -3.99 9.53 1.95
C PHE A 165 -3.84 9.87 0.47
N THR A 166 -4.35 11.02 0.04
CA THR A 166 -4.33 11.40 -1.37
C THR A 166 -2.90 11.60 -1.88
N ALA A 167 -2.13 12.39 -1.12
CA ALA A 167 -0.72 12.64 -1.43
C ALA A 167 0.08 11.33 -1.46
N PHE A 168 -0.37 10.36 -0.66
CA PHE A 168 0.27 9.06 -0.52
C PHE A 168 -0.22 8.04 -1.54
N GLY A 169 -0.90 8.53 -2.57
CA GLY A 169 -1.21 7.74 -3.74
C GLY A 169 -2.57 7.05 -3.72
N TYR A 170 -3.28 7.11 -2.60
CA TYR A 170 -4.42 6.23 -2.44
C TYR A 170 -5.72 6.76 -3.10
N GLY A 171 -5.64 7.93 -3.70
CA GLY A 171 -6.77 8.51 -4.42
C GLY A 171 -7.55 9.51 -3.60
N HIS A 172 -8.76 9.80 -4.08
CA HIS A 172 -9.50 10.98 -3.70
C HIS A 172 -10.80 10.64 -2.99
N PHE A 173 -11.08 11.42 -1.95
CA PHE A 173 -12.20 11.17 -1.05
C PHE A 173 -13.58 11.29 -1.70
N ASP A 174 -13.66 11.89 -2.88
CA ASP A 174 -14.92 11.94 -3.63
C ASP A 174 -15.37 10.56 -4.07
N ASN A 175 -14.45 9.60 -4.16
CA ASN A 175 -14.82 8.29 -4.66
C ASN A 175 -14.34 7.09 -3.84
N VAL A 176 -13.19 7.18 -3.17
CA VAL A 176 -12.69 6.03 -2.41
C VAL A 176 -13.52 5.72 -1.15
N PRO A 177 -14.05 4.50 -1.05
CA PRO A 177 -14.86 4.18 0.12
C PRO A 177 -14.16 4.39 1.47
N ALA A 178 -14.92 4.93 2.42
CA ALA A 178 -14.46 5.13 3.79
C ALA A 178 -13.83 3.89 4.39
N ALA A 179 -14.36 2.71 4.03
CA ALA A 179 -13.90 1.44 4.57
C ALA A 179 -12.38 1.28 4.44
N TYR A 180 -11.85 1.66 3.29
CA TYR A 180 -10.39 1.62 3.09
C TYR A 180 -9.69 2.73 3.87
N VAL A 181 -10.21 3.93 3.74
CA VAL A 181 -9.60 5.10 4.40
C VAL A 181 -9.39 4.85 5.90
N LEU A 182 -10.40 4.29 6.56
CA LEU A 182 -10.38 4.15 8.00
C LEU A 182 -9.79 2.85 8.51
N LYS A 183 -9.61 1.87 7.64
CA LYS A 183 -8.84 0.69 8.04
C LYS A 183 -7.34 1.04 8.02
N TYR A 184 -6.94 1.87 7.05
CA TYR A 184 -5.59 2.39 6.97
C TYR A 184 -5.39 3.45 8.04
N LEU A 185 -6.00 4.61 7.84
CA LEU A 185 -5.93 5.69 8.81
C LEU A 185 -7.03 5.56 9.88
N ASP A 186 -6.94 4.53 10.72
CA ASP A 186 -7.78 4.47 11.92
C ASP A 186 -7.36 5.59 12.86
N PHE A 187 -8.12 5.83 13.91
CA PHE A 187 -7.87 7.01 14.72
C PHE A 187 -6.45 7.04 15.27
N VAL A 188 -5.99 5.91 15.81
CA VAL A 188 -4.64 5.87 16.34
C VAL A 188 -3.57 6.10 15.27
N THR A 189 -3.72 5.49 14.11
CA THR A 189 -2.78 5.69 13.01
C THR A 189 -2.77 7.16 12.56
N MET A 190 -3.96 7.76 12.39
CA MET A 190 -4.08 9.18 12.08
C MET A 190 -3.36 10.06 13.11
N MET A 191 -3.51 9.70 14.37
CA MET A 191 -2.90 10.49 15.43
C MET A 191 -1.38 10.41 15.38
N SER A 192 -0.88 9.21 15.13
CA SER A 192 0.57 9.00 15.03
C SER A 192 1.17 9.82 13.88
N PHE A 193 0.53 9.77 12.73
CA PHE A 193 0.97 10.54 11.58
C PHE A 193 0.97 12.02 11.93
N ALA A 194 -0.14 12.51 12.48
CA ALA A 194 -0.29 13.93 12.77
C ALA A 194 0.84 14.44 13.69
N LYS A 195 1.22 13.59 14.64
CA LYS A 195 2.31 13.81 15.60
C LYS A 195 3.72 13.66 14.98
N GLY A 196 3.84 13.01 13.82
CA GLY A 196 5.14 12.64 13.27
C GLY A 196 5.82 11.46 13.96
N ASP A 197 5.03 10.62 14.61
CA ASP A 197 5.53 9.42 15.24
C ASP A 197 5.57 8.31 14.19
N LEU A 198 6.63 8.33 13.39
CA LEU A 198 6.68 7.57 12.17
C LEU A 198 8.01 6.81 12.06
N TRP A 199 7.89 5.51 11.86
CA TRP A 199 9.03 4.65 11.65
C TRP A 199 9.65 4.86 10.27
N THR A 200 10.97 4.81 10.21
CA THR A 200 11.70 4.71 8.94
C THR A 200 12.94 3.82 9.17
N TRP A 201 13.59 3.42 8.08
CA TRP A 201 14.73 2.48 8.09
C TRP A 201 15.89 3.01 7.27
N ALA A 202 17.07 3.04 7.90
CA ALA A 202 18.29 3.54 7.26
C ALA A 202 18.64 2.74 6.01
N ASP A 203 18.40 1.44 6.06
CA ASP A 203 18.70 0.51 4.99
C ASP A 203 17.51 0.32 4.02
N GLY A 204 16.44 1.07 4.28
CA GLY A 204 15.26 1.04 3.43
C GLY A 204 14.29 0.00 3.92
N THR A 205 13.00 0.22 3.62
CA THR A 205 11.95 -0.74 3.97
C THR A 205 12.23 -2.11 3.33
N GLN A 206 12.83 -2.11 2.13
CA GLN A 206 13.19 -3.38 1.47
C GLN A 206 14.07 -4.30 2.33
N ALA A 207 14.96 -3.71 3.11
CA ALA A 207 15.97 -4.46 3.87
C ALA A 207 15.39 -5.53 4.80
N MET A 208 14.38 -5.17 5.58
CA MET A 208 13.79 -6.13 6.50
C MET A 208 13.05 -7.25 5.78
N PHE A 209 12.57 -6.99 4.58
CA PHE A 209 11.95 -8.05 3.79
C PHE A 209 12.95 -8.98 3.12
N GLU A 210 14.08 -8.42 2.66
CA GLU A 210 15.23 -9.20 2.23
C GLU A 210 15.70 -10.10 3.37
N HIS A 211 15.78 -9.53 4.57
CA HIS A 211 16.23 -10.29 5.74
C HIS A 211 15.19 -11.33 6.15
N LEU A 212 13.92 -10.98 6.09
CA LEU A 212 12.89 -11.97 6.40
C LEU A 212 12.98 -13.18 5.46
N ASN A 213 13.07 -12.91 4.16
CA ASN A 213 13.19 -13.97 3.14
C ASN A 213 14.34 -14.95 3.46
N ALA A 214 15.48 -14.40 3.88
CA ALA A 214 16.65 -15.20 4.23
C ALA A 214 16.43 -16.05 5.49
N THR A 215 15.59 -15.58 6.43
CA THR A 215 15.31 -16.38 7.62
C THR A 215 14.38 -17.55 7.31
N LEU A 216 13.69 -17.51 6.19
CA LEU A 216 12.72 -18.55 5.87
C LEU A 216 13.43 -19.86 5.59
N GLU A 217 12.79 -20.95 6.00
CA GLU A 217 13.23 -22.30 5.66
CA GLU A 217 13.25 -22.30 5.68
C GLU A 217 13.36 -22.42 4.16
N HIS A 218 12.44 -21.80 3.43
CA HIS A 218 12.47 -21.78 1.97
C HIS A 218 12.43 -20.36 1.41
N PRO A 219 13.62 -19.73 1.24
CA PRO A 219 13.65 -18.41 0.61
C PRO A 219 13.01 -18.47 -0.75
N ALA A 220 12.38 -17.37 -1.17
CA ALA A 220 11.65 -17.31 -2.43
C ALA A 220 12.48 -17.78 -3.65
N GLU A 221 11.81 -18.49 -4.55
CA GLU A 221 12.37 -18.80 -5.85
CA GLU A 221 12.33 -18.82 -5.87
C GLU A 221 12.12 -17.59 -6.72
N ARG A 222 13.18 -17.11 -7.37
CA ARG A 222 13.10 -15.86 -8.15
C ARG A 222 13.20 -16.10 -9.64
N ASN A 223 12.93 -15.05 -10.42
CA ASN A 223 12.91 -15.15 -11.87
C ASN A 223 11.99 -16.26 -12.39
N VAL A 224 10.87 -16.46 -11.70
CA VAL A 224 9.91 -17.50 -12.10
C VAL A 224 8.85 -16.90 -13.00
N ASP A 225 8.86 -17.32 -14.26
CA ASP A 225 7.89 -16.84 -15.25
C ASP A 225 6.74 -17.84 -15.34
N ILE A 226 5.69 -17.59 -14.56
CA ILE A 226 4.49 -18.45 -14.56
C ILE A 226 3.63 -18.15 -15.79
N THR A 227 3.53 -19.13 -16.69
CA THR A 227 2.74 -18.99 -17.92
C THR A 227 1.30 -19.54 -17.80
N ARG A 228 1.07 -20.51 -16.93
CA ARG A 228 -0.28 -21.06 -16.74
C ARG A 228 -0.44 -21.68 -15.36
N ILE A 229 -1.58 -21.41 -14.73
CA ILE A 229 -2.00 -22.15 -13.54
C ILE A 229 -3.37 -22.80 -13.82
N THR A 230 -3.48 -24.10 -13.55
CA THR A 230 -4.76 -24.82 -13.66
C THR A 230 -5.06 -25.57 -12.36
N ARG A 231 -6.33 -25.86 -12.10
CA ARG A 231 -6.75 -26.38 -10.80
C ARG A 231 -7.73 -27.58 -10.88
N GLU A 232 -7.42 -28.51 -11.76
CA GLU A 232 -8.25 -29.71 -11.95
C GLU A 232 -7.92 -30.78 -10.91
N ASP A 233 -8.94 -31.58 -10.58
CA ASP A 233 -8.77 -32.82 -9.84
C ASP A 233 -8.31 -32.63 -8.40
N GLY A 234 -8.70 -31.52 -7.79
CA GLY A 234 -8.29 -31.20 -6.41
C GLY A 234 -6.81 -30.85 -6.27
N LYS A 235 -6.16 -30.51 -7.37
CA LYS A 235 -4.75 -30.15 -7.35
C LYS A 235 -4.52 -28.79 -8.02
N VAL A 236 -3.34 -28.24 -7.76
CA VAL A 236 -2.90 -27.00 -8.39
C VAL A 236 -1.70 -27.33 -9.25
N HIS A 237 -1.76 -26.96 -10.52
CA HIS A 237 -0.63 -27.20 -11.41
C HIS A 237 -0.10 -25.90 -12.01
N ILE A 238 1.19 -25.69 -11.81
CA ILE A 238 1.84 -24.44 -12.18
C ILE A 238 2.86 -24.66 -13.31
N HIS A 239 2.64 -23.98 -14.42
CA HIS A 239 3.54 -24.05 -15.58
C HIS A 239 4.38 -22.79 -15.66
N THR A 240 5.69 -22.98 -15.66
CA THR A 240 6.63 -21.88 -15.80
C THR A 240 7.54 -22.17 -16.99
N THR A 241 8.29 -21.17 -17.42
CA THR A 241 9.14 -21.32 -18.59
C THR A 241 10.22 -22.41 -18.41
N ASP A 242 10.58 -22.76 -17.17
CA ASP A 242 11.64 -23.74 -16.91
C ASP A 242 11.19 -25.05 -16.26
N TRP A 243 9.96 -25.12 -15.77
CA TRP A 243 9.47 -26.32 -15.14
C TRP A 243 7.96 -26.24 -15.03
N ASP A 244 7.32 -27.37 -14.78
CA ASP A 244 5.93 -27.37 -14.41
C ASP A 244 5.73 -28.38 -13.29
N ARG A 245 5.04 -27.95 -12.23
CA ARG A 245 4.97 -28.71 -10.98
C ARG A 245 3.61 -28.62 -10.34
N GLU A 246 3.31 -29.65 -9.54
CA GLU A 246 2.03 -29.79 -8.89
C GLU A 246 2.13 -29.36 -7.43
N SER A 247 1.08 -28.70 -6.97
CA SER A 247 0.94 -28.31 -5.58
C SER A 247 -0.46 -28.70 -5.11
N ASP A 248 -0.64 -28.67 -3.80
CA ASP A 248 -1.93 -28.98 -3.17
C ASP A 248 -2.79 -27.74 -2.94
N VAL A 249 -2.13 -26.60 -2.67
CA VAL A 249 -2.77 -25.32 -2.32
C VAL A 249 -2.09 -24.13 -3.01
N LEU A 250 -2.90 -23.15 -3.42
CA LEU A 250 -2.45 -21.93 -4.05
C LEU A 250 -2.83 -20.74 -3.17
N VAL A 251 -1.83 -19.96 -2.76
CA VAL A 251 -2.03 -18.70 -2.04
C VAL A 251 -1.56 -17.55 -2.94
N LEU A 252 -2.50 -16.66 -3.29
CA LEU A 252 -2.26 -15.57 -4.23
C LEU A 252 -2.06 -14.25 -3.49
N THR A 253 -0.86 -13.67 -3.59
CA THR A 253 -0.59 -12.32 -3.05
C THR A 253 -0.31 -11.32 -4.17
N VAL A 254 -0.64 -11.72 -5.39
CA VAL A 254 -0.40 -10.94 -6.60
C VAL A 254 -1.73 -10.40 -7.14
N PRO A 255 -1.69 -9.38 -8.03
CA PRO A 255 -2.94 -8.76 -8.50
C PRO A 255 -3.92 -9.76 -9.12
N LEU A 256 -5.13 -9.81 -8.56
CA LEU A 256 -6.12 -10.84 -8.90
C LEU A 256 -6.72 -10.68 -10.30
N GLU A 257 -6.91 -9.43 -10.76
CA GLU A 257 -7.36 -9.21 -12.15
C GLU A 257 -6.30 -9.70 -13.14
N LYS A 258 -5.03 -9.48 -12.82
CA LYS A 258 -3.94 -9.94 -13.66
C LYS A 258 -3.85 -11.47 -13.63
N PHE A 259 -4.22 -12.07 -12.51
CA PHE A 259 -4.27 -13.53 -12.36
C PHE A 259 -5.20 -14.20 -13.41
N LEU A 260 -6.26 -13.49 -13.81
CA LEU A 260 -7.21 -13.98 -14.82
C LEU A 260 -6.51 -14.35 -16.12
N ASP A 261 -5.48 -13.58 -16.46
CA ASP A 261 -4.78 -13.75 -17.73
C ASP A 261 -3.87 -14.98 -17.84
N TYR A 262 -3.55 -15.65 -16.74
CA TYR A 262 -2.67 -16.83 -16.86
C TYR A 262 -3.19 -18.02 -16.07
N SER A 263 -4.51 -18.08 -15.88
CA SER A 263 -5.13 -19.11 -15.05
C SER A 263 -6.45 -19.61 -15.65
N ASP A 264 -6.90 -20.77 -15.17
CA ASP A 264 -8.23 -21.30 -15.53
C ASP A 264 -9.30 -20.63 -14.66
N ALA A 265 -9.34 -19.30 -14.70
CA ALA A 265 -10.21 -18.53 -13.81
C ALA A 265 -11.67 -18.92 -14.06
N ASP A 266 -12.40 -19.26 -13.00
CA ASP A 266 -13.80 -19.62 -13.14
C ASP A 266 -14.67 -18.34 -13.34
N ASP A 267 -15.99 -18.52 -13.41
CA ASP A 267 -16.87 -17.43 -13.79
C ASP A 267 -16.88 -16.32 -12.74
N ASP A 268 -16.95 -16.73 -11.47
CA ASP A 268 -16.93 -15.81 -10.34
C ASP A 268 -15.60 -15.03 -10.27
N GLU A 269 -14.48 -15.73 -10.46
CA GLU A 269 -13.17 -15.08 -10.48
C GLU A 269 -13.13 -14.01 -11.57
N ARG A 270 -13.51 -14.38 -12.78
CA ARG A 270 -13.51 -13.44 -13.89
C ARG A 270 -14.46 -12.27 -13.65
N GLU A 271 -15.63 -12.57 -13.09
CA GLU A 271 -16.66 -11.56 -12.85
C GLU A 271 -16.20 -10.53 -11.84
N TYR A 272 -15.75 -11.01 -10.70
CA TYR A 272 -15.42 -10.15 -9.60
C TYR A 272 -14.06 -9.49 -9.75
N PHE A 273 -13.04 -10.27 -10.12
CA PHE A 273 -11.70 -9.71 -10.26
C PHE A 273 -11.63 -8.66 -11.36
N SER A 274 -12.51 -8.75 -12.34
CA SER A 274 -12.61 -7.73 -13.38
C SER A 274 -13.08 -6.36 -12.86
N LYS A 275 -13.64 -6.33 -11.65
CA LYS A 275 -14.13 -5.09 -11.07
C LYS A 275 -13.01 -4.32 -10.34
N ILE A 276 -11.85 -4.95 -10.16
CA ILE A 276 -10.74 -4.32 -9.44
C ILE A 276 -10.23 -3.10 -10.20
N ILE A 277 -10.11 -2.00 -9.46
CA ILE A 277 -9.52 -0.79 -10.02
C ILE A 277 -8.26 -0.44 -9.19
N HIS A 278 -7.41 0.40 -9.74
CA HIS A 278 -6.15 0.71 -9.06
C HIS A 278 -5.69 2.11 -9.39
N GLN A 279 -4.64 2.54 -8.68
CA GLN A 279 -4.07 3.86 -8.83
C GLN A 279 -2.76 3.78 -9.62
N GLN A 280 -2.53 4.81 -10.42
CA GLN A 280 -1.29 5.01 -11.14
C GLN A 280 -0.43 6.04 -10.41
N TYR A 281 0.38 5.54 -9.47
CA TYR A 281 1.13 6.40 -8.56
C TYR A 281 2.58 6.51 -9.05
N MET A 282 3.00 7.71 -9.43
CA MET A 282 4.31 7.91 -10.07
C MET A 282 5.33 8.60 -9.16
N VAL A 283 6.48 7.94 -9.04
CA VAL A 283 7.57 8.38 -8.21
C VAL A 283 8.76 8.73 -9.11
N ASP A 284 9.34 9.89 -8.88
CA ASP A 284 10.56 10.32 -9.54
C ASP A 284 11.66 10.55 -8.50
N ALA A 285 12.75 9.81 -8.66
CA ALA A 285 13.95 9.99 -7.86
C ALA A 285 14.84 11.09 -8.49
N CYS A 286 14.90 12.24 -7.80
CA CYS A 286 15.51 13.44 -8.37
C CYS A 286 16.74 13.91 -7.62
N LEU A 287 17.67 14.49 -8.37
CA LEU A 287 18.74 15.31 -7.84
C LEU A 287 18.27 16.74 -8.05
N VAL A 288 18.37 17.57 -7.03
CA VAL A 288 17.83 18.93 -7.09
C VAL A 288 18.87 19.97 -6.64
N LYS A 289 18.76 21.16 -7.21
CA LYS A 289 19.47 22.35 -6.71
C LYS A 289 18.62 23.05 -5.63
N GLU A 290 19.26 23.92 -4.85
CA GLU A 290 18.61 24.58 -3.71
CA GLU A 290 18.59 24.57 -3.72
C GLU A 290 17.88 23.53 -2.87
N TYR A 291 18.67 22.56 -2.40
CA TYR A 291 18.20 21.41 -1.67
C TYR A 291 17.23 21.78 -0.58
N PRO A 292 16.09 21.09 -0.53
CA PRO A 292 15.14 21.37 0.54
C PRO A 292 15.72 21.09 1.91
N THR A 293 15.11 21.69 2.92
CA THR A 293 15.56 21.52 4.28
C THR A 293 14.61 20.65 5.09
N ILE A 294 13.55 20.18 4.43
CA ILE A 294 12.41 19.53 5.07
C ILE A 294 11.52 18.94 3.95
N SER A 295 10.72 17.93 4.25
CA SER A 295 9.80 17.40 3.24
C SER A 295 8.65 18.41 3.04
N GLY A 296 8.04 18.41 1.88
CA GLY A 296 6.95 19.34 1.55
C GLY A 296 5.70 18.63 1.06
N TYR A 297 4.54 19.02 1.60
CA TYR A 297 3.22 18.57 1.20
C TYR A 297 2.46 19.72 0.55
N VAL A 298 1.65 19.42 -0.45
CA VAL A 298 0.95 20.47 -1.21
C VAL A 298 -0.54 20.15 -1.33
N PRO A 299 -1.31 20.43 -0.26
CA PRO A 299 -2.76 20.16 -0.25
C PRO A 299 -3.49 20.69 -1.47
N ASP A 300 -3.08 21.86 -1.95
CA ASP A 300 -3.62 22.46 -3.19
C ASP A 300 -3.55 21.47 -4.36
N ASN A 301 -2.46 20.71 -4.43
CA ASN A 301 -2.27 19.76 -5.52
C ASN A 301 -2.94 18.40 -5.28
N MET A 302 -3.61 18.24 -4.13
CA MET A 302 -4.34 17.00 -3.81
C MET A 302 -5.79 17.03 -4.31
N ARG A 303 -6.22 18.20 -4.77
CA ARG A 303 -7.55 18.36 -5.38
C ARG A 303 -7.57 17.65 -6.71
N PRO A 304 -8.69 16.98 -7.03
CA PRO A 304 -8.82 16.29 -8.33
C PRO A 304 -8.54 17.20 -9.53
N GLU A 305 -8.86 18.49 -9.42
CA GLU A 305 -8.57 19.48 -10.48
C GLU A 305 -7.08 19.70 -10.77
N ARG A 306 -6.22 19.26 -9.86
CA ARG A 306 -4.77 19.41 -10.00
C ARG A 306 -4.08 18.07 -10.22
N LEU A 307 -4.85 17.07 -10.66
CA LEU A 307 -4.32 15.73 -10.90
C LEU A 307 -3.07 15.77 -11.75
N GLY A 308 -2.06 14.99 -11.34
CA GLY A 308 -0.80 14.92 -12.06
C GLY A 308 0.30 15.84 -11.53
N HIS A 309 -0.08 16.80 -10.69
CA HIS A 309 0.87 17.67 -10.01
C HIS A 309 1.50 16.98 -8.79
N VAL A 310 2.68 17.47 -8.40
CA VAL A 310 3.40 16.93 -7.27
C VAL A 310 2.63 17.27 -5.99
N MET A 311 2.31 16.25 -5.20
CA MET A 311 1.54 16.41 -3.97
C MET A 311 2.41 16.39 -2.71
N VAL A 312 3.57 15.77 -2.82
CA VAL A 312 4.47 15.62 -1.70
C VAL A 312 5.85 15.26 -2.29
N TYR A 313 6.92 15.65 -1.60
CA TYR A 313 8.27 15.18 -1.93
C TYR A 313 9.02 14.88 -0.64
N TYR A 314 9.98 13.95 -0.74
CA TYR A 314 10.58 13.30 0.43
C TYR A 314 12.04 13.72 0.59
N HIS A 315 12.28 14.47 1.65
CA HIS A 315 13.62 14.87 2.12
C HIS A 315 14.16 13.79 3.07
N ARG A 316 14.95 12.87 2.53
CA ARG A 316 15.39 11.68 3.27
C ARG A 316 16.72 11.90 3.97
N TRP A 317 17.72 12.39 3.25
CA TRP A 317 19.08 12.56 3.78
C TRP A 317 19.41 14.05 3.92
N ALA A 318 19.15 14.57 5.12
CA ALA A 318 19.26 16.00 5.41
C ALA A 318 20.67 16.57 5.20
N ASP A 319 21.68 15.77 5.49
CA ASP A 319 23.05 16.25 5.53
C ASP A 319 23.73 16.40 4.18
N ASP A 320 23.19 15.76 3.15
CA ASP A 320 23.84 15.71 1.83
C ASP A 320 22.92 16.26 0.75
N PRO A 321 23.24 17.45 0.25
CA PRO A 321 22.34 18.09 -0.73
C PRO A 321 22.47 17.48 -2.12
N HIS A 322 23.36 16.49 -2.27
CA HIS A 322 23.50 15.75 -3.51
C HIS A 322 22.88 14.35 -3.43
N GLN A 323 22.07 14.12 -2.40
CA GLN A 323 21.27 12.89 -2.30
C GLN A 323 19.90 13.00 -2.98
N ILE A 324 19.21 11.88 -3.06
CA ILE A 324 17.98 11.74 -3.83
C ILE A 324 16.79 12.35 -3.09
N ILE A 325 16.01 13.15 -3.82
CA ILE A 325 14.69 13.60 -3.40
C ILE A 325 13.65 12.95 -4.31
N THR A 326 12.77 12.16 -3.73
CA THR A 326 11.69 11.56 -4.49
C THR A 326 10.44 12.44 -4.46
N THR A 327 9.74 12.49 -5.60
CA THR A 327 8.49 13.22 -5.76
C THR A 327 7.37 12.24 -6.00
N TYR A 328 6.15 12.67 -5.68
CA TYR A 328 4.96 11.80 -5.75
C TYR A 328 3.77 12.50 -6.41
N LEU A 329 3.15 11.82 -7.37
CA LEU A 329 1.97 12.35 -8.06
C LEU A 329 1.10 11.18 -8.52
N LEU A 330 -0.19 11.48 -8.74
CA LEU A 330 -1.17 10.52 -9.27
C LEU A 330 -1.52 10.86 -10.71
N ARG A 331 -1.66 9.83 -11.55
CA ARG A 331 -2.01 10.01 -12.95
C ARG A 331 -3.48 9.69 -13.29
N ASN A 332 -4.27 9.23 -12.33
CA ASN A 332 -5.65 8.83 -12.60
C ASN A 332 -6.67 9.28 -11.56
N HIS A 333 -7.91 9.38 -12.02
CA HIS A 333 -9.06 9.68 -11.19
C HIS A 333 -10.29 9.23 -11.99
N PRO A 334 -11.26 8.56 -11.34
CA PRO A 334 -12.42 8.00 -12.07
C PRO A 334 -13.18 8.99 -12.94
N ASP A 335 -13.20 10.26 -12.53
CA ASP A 335 -13.95 11.31 -13.22
C ASP A 335 -13.09 12.25 -14.04
N TYR A 336 -11.84 11.87 -14.33
CA TYR A 336 -10.99 12.67 -15.22
C TYR A 336 -10.24 11.81 -16.19
N ALA A 337 -9.91 12.43 -17.33
CA ALA A 337 -9.01 11.82 -18.27
C ALA A 337 -7.68 11.69 -17.54
N ASP A 338 -7.08 10.53 -17.66
CA ASP A 338 -5.89 10.24 -16.93
C ASP A 338 -4.70 10.91 -17.60
N LYS A 339 -3.61 11.06 -16.85
CA LYS A 339 -2.49 11.85 -17.28
C LYS A 339 -1.39 10.97 -17.87
N THR A 340 -0.72 11.47 -18.90
CA THR A 340 0.38 10.73 -19.51
C THR A 340 1.66 10.82 -18.65
N GLN A 341 2.52 9.82 -18.79
CA GLN A 341 3.86 9.82 -18.18
C GLN A 341 4.61 11.11 -18.53
N GLU A 342 4.48 11.52 -19.79
CA GLU A 342 5.25 12.64 -20.32
C GLU A 342 4.81 13.97 -19.71
N GLU A 343 3.51 14.21 -19.67
CA GLU A 343 3.05 15.49 -19.14
C GLU A 343 3.24 15.56 -17.62
N CYS A 344 3.16 14.40 -16.95
CA CYS A 344 3.39 14.33 -15.51
C CYS A 344 4.87 14.58 -15.16
N ARG A 345 5.80 13.98 -15.92
CA ARG A 345 7.23 14.28 -15.76
C ARG A 345 7.51 15.78 -15.88
N GLN A 346 6.83 16.46 -16.79
CA GLN A 346 7.02 17.91 -16.96
C GLN A 346 6.45 18.71 -15.77
N MET A 347 5.36 18.23 -15.20
CA MET A 347 4.84 18.85 -13.97
C MET A 347 5.79 18.66 -12.79
N VAL A 348 6.46 17.51 -12.72
CA VAL A 348 7.49 17.29 -11.71
C VAL A 348 8.53 18.40 -11.82
N LEU A 349 9.00 18.62 -13.04
CA LEU A 349 9.99 19.68 -13.30
C LEU A 349 9.46 21.07 -12.94
N ASP A 350 8.26 21.41 -13.43
CA ASP A 350 7.70 22.74 -13.22
C ASP A 350 7.32 23.02 -11.75
N ASP A 351 6.74 22.03 -11.10
CA ASP A 351 6.35 22.15 -9.71
C ASP A 351 7.56 22.31 -8.79
N MET A 352 8.57 21.46 -8.97
CA MET A 352 9.76 21.55 -8.12
C MET A 352 10.45 22.90 -8.31
N GLU A 353 10.44 23.43 -9.53
CA GLU A 353 10.96 24.77 -9.81
C GLU A 353 10.16 25.82 -9.04
N THR A 354 8.83 25.72 -9.11
CA THR A 354 7.96 26.63 -8.37
C THR A 354 8.20 26.61 -6.86
N PHE A 355 8.51 25.43 -6.33
CA PHE A 355 8.69 25.23 -4.90
C PHE A 355 10.06 25.68 -4.47
N GLY A 356 10.91 26.01 -5.45
CA GLY A 356 12.23 26.55 -5.17
C GLY A 356 13.29 25.48 -4.97
N HIS A 357 13.04 24.29 -5.49
CA HIS A 357 14.00 23.18 -5.43
C HIS A 357 14.12 22.54 -6.83
N PRO A 358 14.64 23.30 -7.79
CA PRO A 358 14.60 22.83 -9.18
C PRO A 358 15.37 21.53 -9.44
N VAL A 359 14.78 20.66 -10.23
CA VAL A 359 15.38 19.36 -10.54
C VAL A 359 16.55 19.53 -11.51
N GLU A 360 17.71 18.96 -11.15
CA GLU A 360 18.87 18.88 -12.06
C GLU A 360 18.88 17.59 -12.88
N LYS A 361 18.32 16.52 -12.32
CA LYS A 361 18.38 15.21 -12.96
C LYS A 361 17.30 14.31 -12.34
N ILE A 362 16.62 13.54 -13.18
CA ILE A 362 15.79 12.42 -12.75
C ILE A 362 16.56 11.13 -13.03
N ILE A 363 16.92 10.38 -11.98
CA ILE A 363 17.72 9.18 -12.18
C ILE A 363 16.86 7.92 -12.27
N GLU A 364 15.64 7.98 -11.75
CA GLU A 364 14.75 6.81 -11.74
C GLU A 364 13.30 7.32 -11.73
N GLU A 365 12.43 6.58 -12.40
CA GLU A 365 11.02 6.91 -12.45
C GLU A 365 10.20 5.62 -12.57
N GLN A 366 9.11 5.57 -11.82
CA GLN A 366 8.28 4.38 -11.71
C GLN A 366 6.82 4.80 -11.51
N THR A 367 5.94 4.35 -12.41
CA THR A 367 4.51 4.38 -12.16
C THR A 367 4.20 3.02 -11.60
N TRP A 368 3.74 3.00 -10.35
CA TRP A 368 3.43 1.77 -9.67
C TRP A 368 1.97 1.37 -9.88
N TYR A 369 1.74 0.04 -9.90
CA TYR A 369 0.43 -0.54 -9.71
C TYR A 369 0.16 -0.36 -8.23
N TYR A 370 -0.78 0.51 -7.91
CA TYR A 370 -0.90 0.97 -6.53
C TYR A 370 -2.34 0.83 -6.05
N PHE A 371 -2.50 0.41 -4.81
CA PHE A 371 -3.80 0.41 -4.13
C PHE A 371 -4.94 -0.20 -4.96
N PRO A 372 -4.85 -1.51 -5.20
CA PRO A 372 -6.01 -2.16 -5.79
C PRO A 372 -7.19 -2.05 -4.83
N HIS A 373 -8.35 -1.73 -5.38
CA HIS A 373 -9.57 -1.69 -4.59
C HIS A 373 -10.79 -1.83 -5.52
N VAL A 374 -11.97 -1.74 -4.92
CA VAL A 374 -13.22 -1.63 -5.71
C VAL A 374 -14.01 -0.33 -5.40
N SER A 375 -14.83 0.09 -6.36
CA SER A 375 -15.73 1.24 -6.20
C SER A 375 -16.70 1.07 -5.02
N SER A 376 -17.26 2.18 -4.55
CA SER A 376 -18.31 2.16 -3.51
C SER A 376 -19.50 1.28 -3.93
N GLU A 377 -19.91 1.42 -5.19
CA GLU A 377 -21.04 0.66 -5.73
C GLU A 377 -20.76 -0.86 -5.65
N ASP A 378 -19.56 -1.25 -6.04
CA ASP A 378 -19.17 -2.67 -6.01
C ASP A 378 -18.98 -3.15 -4.58
N TYR A 379 -18.43 -2.29 -3.73
CA TYR A 379 -18.31 -2.60 -2.33
C TYR A 379 -19.71 -2.83 -1.72
N LYS A 380 -20.63 -1.93 -2.03
CA LYS A 380 -22.01 -1.98 -1.53
C LYS A 380 -22.76 -3.21 -2.03
N ALA A 381 -22.55 -3.57 -3.30
CA ALA A 381 -23.14 -4.78 -3.90
C ALA A 381 -22.56 -6.07 -3.33
N GLY A 382 -21.57 -5.97 -2.45
CA GLY A 382 -21.08 -7.10 -1.68
C GLY A 382 -19.86 -7.81 -2.23
N TRP A 383 -18.96 -7.06 -2.87
CA TRP A 383 -17.72 -7.64 -3.45
C TRP A 383 -16.98 -8.56 -2.49
N TYR A 384 -16.79 -8.09 -1.25
CA TYR A 384 -15.99 -8.82 -0.29
C TYR A 384 -16.70 -10.02 0.32
N GLU A 385 -18.04 -9.97 0.41
CA GLU A 385 -18.79 -11.15 0.89
C GLU A 385 -18.61 -12.30 -0.11
N LYS A 386 -18.64 -11.99 -1.40
CA LYS A 386 -18.46 -12.96 -2.44
C LYS A 386 -17.04 -13.56 -2.43
N VAL A 387 -16.05 -12.68 -2.54
CA VAL A 387 -14.68 -13.15 -2.73
C VAL A 387 -14.19 -13.90 -1.50
N GLU A 388 -14.49 -13.39 -0.31
CA GLU A 388 -14.10 -14.07 0.91
C GLU A 388 -14.86 -15.39 1.06
N GLY A 389 -16.10 -15.42 0.56
CA GLY A 389 -16.86 -16.67 0.47
C GLY A 389 -16.19 -17.70 -0.42
N MET A 390 -15.43 -17.27 -1.41
CA MET A 390 -14.72 -18.17 -2.31
C MET A 390 -13.39 -18.70 -1.75
N GLN A 391 -12.99 -18.25 -0.56
CA GLN A 391 -11.70 -18.66 0.02
C GLN A 391 -11.64 -20.18 0.15
N GLY A 392 -10.69 -20.80 -0.54
CA GLY A 392 -10.50 -22.25 -0.51
C GLY A 392 -11.08 -22.98 -1.71
N ARG A 393 -11.84 -22.28 -2.55
CA ARG A 393 -12.40 -22.89 -3.74
C ARG A 393 -11.28 -23.40 -4.62
N ARG A 394 -11.36 -24.68 -4.98
CA ARG A 394 -10.31 -25.38 -5.68
C ARG A 394 -8.94 -25.10 -5.10
N ASN A 395 -8.86 -25.20 -3.77
CA ASN A 395 -7.62 -25.07 -3.01
C ASN A 395 -6.87 -23.74 -3.25
N THR A 396 -7.64 -22.68 -3.46
CA THR A 396 -7.13 -21.36 -3.76
C THR A 396 -7.50 -20.38 -2.66
N PHE A 397 -6.51 -19.61 -2.22
CA PHE A 397 -6.70 -18.58 -1.22
C PHE A 397 -6.24 -17.24 -1.76
N TYR A 398 -7.00 -16.20 -1.39
CA TYR A 398 -6.84 -14.87 -1.93
C TYR A 398 -6.32 -13.95 -0.85
N ALA A 399 -5.25 -13.23 -1.17
CA ALA A 399 -4.60 -12.35 -0.22
C ALA A 399 -3.99 -11.15 -0.93
N GLY A 400 -3.07 -10.47 -0.26
CA GLY A 400 -2.44 -9.28 -0.83
C GLY A 400 -3.32 -8.05 -0.62
N GLU A 401 -3.01 -7.02 -1.39
CA GLU A 401 -3.52 -5.68 -1.15
C GLU A 401 -5.02 -5.55 -1.32
N ILE A 402 -5.57 -6.16 -2.38
CA ILE A 402 -7.01 -6.10 -2.64
C ILE A 402 -7.87 -6.62 -1.48
N MET A 403 -7.36 -7.59 -0.74
CA MET A 403 -8.09 -8.21 0.35
C MET A 403 -8.01 -7.46 1.65
N SER A 404 -7.19 -6.42 1.71
CA SER A 404 -6.98 -5.72 2.97
C SER A 404 -6.84 -4.24 2.67
N PHE A 405 -5.61 -3.77 2.59
CA PHE A 405 -5.34 -2.41 2.18
C PHE A 405 -3.88 -2.35 1.74
N GLY A 406 -3.59 -1.44 0.83
CA GLY A 406 -2.25 -1.33 0.26
C GLY A 406 -1.27 -0.56 1.13
N ASN A 407 -1.02 -1.06 2.34
CA ASN A 407 0.17 -0.70 3.11
C ASN A 407 0.77 -1.99 3.62
N PHE A 408 2.06 -1.98 3.96
CA PHE A 408 2.73 -3.25 4.16
C PHE A 408 2.36 -3.95 5.46
N ASP A 409 1.98 -3.20 6.50
CA ASP A 409 1.48 -3.83 7.71
C ASP A 409 0.14 -4.54 7.49
N GLU A 410 -0.79 -3.87 6.79
CA GLU A 410 -2.14 -4.46 6.57
C GLU A 410 -2.09 -5.77 5.79
N VAL A 411 -1.32 -5.80 4.72
CA VAL A 411 -1.16 -7.06 3.95
C VAL A 411 -0.46 -8.16 4.75
N CYS A 412 0.54 -7.80 5.58
CA CYS A 412 1.22 -8.84 6.37
C CYS A 412 0.30 -9.39 7.47
N HIS A 413 -0.45 -8.49 8.11
CA HIS A 413 -1.45 -8.83 9.12
C HIS A 413 -2.48 -9.78 8.51
N TYR A 414 -2.91 -9.49 7.29
CA TYR A 414 -3.85 -10.34 6.58
C TYR A 414 -3.30 -11.74 6.30
N SER A 415 -2.07 -11.82 5.79
CA SER A 415 -1.40 -13.12 5.57
C SER A 415 -1.32 -13.91 6.85
N LYS A 416 -0.93 -13.26 7.93
CA LYS A 416 -0.88 -13.87 9.24
C LYS A 416 -2.26 -14.47 9.61
N ASP A 417 -3.30 -13.65 9.48
CA ASP A 417 -4.64 -14.12 9.84
C ASP A 417 -5.19 -15.19 8.87
N LEU A 418 -4.72 -15.20 7.63
CA LEU A 418 -5.12 -16.20 6.64
C LEU A 418 -4.73 -17.59 7.14
N VAL A 419 -3.53 -17.68 7.72
CA VAL A 419 -3.06 -18.92 8.33
C VAL A 419 -4.03 -19.36 9.44
N THR A 420 -4.33 -18.45 10.35
CA THR A 420 -5.23 -18.72 11.46
C THR A 420 -6.64 -19.10 10.97
N ARG A 421 -7.12 -18.39 9.96
CA ARG A 421 -8.48 -18.57 9.49
C ARG A 421 -8.72 -19.92 8.81
N PHE A 422 -7.76 -20.35 8.00
CA PHE A 422 -7.99 -21.49 7.11
C PHE A 422 -7.04 -22.66 7.29
N PHE A 423 -5.85 -22.41 7.83
CA PHE A 423 -4.79 -23.40 7.79
C PHE A 423 -4.63 -24.16 9.08
N VAL A 424 -4.56 -23.45 10.20
CA VAL A 424 -4.25 -24.10 11.45
C VAL A 424 -5.39 -25.04 11.84
#